data_7WSM
#
_entry.id   7WSM
#
_cell.length_a   1.00
_cell.length_b   1.00
_cell.length_c   1.00
_cell.angle_alpha   90.00
_cell.angle_beta   90.00
_cell.angle_gamma   90.00
#
_symmetry.space_group_name_H-M   'P 1'
#
loop_
_entity.id
_entity.type
_entity.pdbx_description
1 polymer 'Solute carrier family 2, facilitated glucose transporter member 4'
2 branched 2-acetamido-2-deoxy-beta-D-glucopyranose-(1-4)-2-acetamido-2-deoxy-beta-D-glucopyranose
3 non-polymer 'Cytochalasin B'
#
_entity_poly.entity_id   1
_entity_poly.type   'polypeptide(L)'
_entity_poly.pdbx_seq_one_letter_code
;MDYKDDDDKGTMPSGFQQIGSEDGEPPQQRVTGTLVLAVFSAVLGSLQFGYNIGVINAPQKVIEQSYNETWLGRQGPEGP
SSIPPGTLTTLWALSVAIFSVGGMISSFLIGIISQWLGRKRAMLVNNVLAVLGGSLMGLANAAASYEMLILGRFLIGAYS
GLTSGLVPMYVGEIAPTHLRGALGTLNQLAIVIGILIAQVLGLESLLGTASLWPLLLGLTVLPALLQLVLLPFCPESPRY
LYIIQNLEGPARKSLKRLTGWADVSGVLAELKDEKRKLERERPLSLLQLLGSRTHRQPLIIAVVLQLSQQLSGINAVFYY
STSIFETAGVGQPAYATIGAGVVNTVFTLVSVLLVERAGRRTLHLLGLAGMCGCAILMTVALLLLERVPAMSYVSIVAIF
GFVAFFEIGPGPIPWFIVAELFSQGPRPAAMAVAGFSNWTSNFIIGMGFQYVAEAMGPYVFLLFAVLLLGFFIFTFLRVP
ETRGRTFDQISAAFHRTPSLLEQEVKPSTELEYLGPDEND
;
_entity_poly.pdbx_strand_id   A
#
loop_
_chem_comp.id
_chem_comp.type
_chem_comp.name
_chem_comp.formula
5RH non-polymer 'Cytochalasin B' 'C29 H37 N O5'
NAG D-saccharide, beta linking 2-acetamido-2-deoxy-beta-D-glucopyranose 'C8 H15 N O6'
#
# COMPACT_ATOMS: atom_id res chain seq x y z
N THR A 32 -13.69 0.23 27.07
CA THR A 32 -13.08 0.48 25.74
C THR A 32 -11.70 -0.14 25.62
N GLY A 33 -11.19 -0.69 26.73
CA GLY A 33 -9.83 -1.19 26.73
C GLY A 33 -9.60 -2.24 25.66
N THR A 34 -10.52 -3.19 25.54
CA THR A 34 -10.41 -4.19 24.48
C THR A 34 -10.47 -3.52 23.11
N LEU A 35 -11.31 -2.50 22.98
CA LEU A 35 -11.41 -1.79 21.70
C LEU A 35 -10.08 -1.18 21.31
N VAL A 36 -9.45 -0.45 22.24
CA VAL A 36 -8.18 0.19 21.92
C VAL A 36 -7.12 -0.87 21.65
N LEU A 37 -7.14 -1.98 22.38
CA LEU A 37 -6.16 -3.02 22.14
C LEU A 37 -6.31 -3.63 20.74
N ALA A 38 -7.55 -3.91 20.32
CA ALA A 38 -7.77 -4.47 18.99
C ALA A 38 -7.36 -3.49 17.90
N VAL A 39 -7.72 -2.22 18.07
CA VAL A 39 -7.30 -1.23 17.08
C VAL A 39 -5.79 -1.11 17.08
N PHE A 40 -5.15 -1.28 18.23
CA PHE A 40 -3.70 -1.24 18.27
C PHE A 40 -3.09 -2.38 17.47
N SER A 41 -3.65 -3.58 17.60
CA SER A 41 -3.15 -4.71 16.83
C SER A 41 -3.30 -4.45 15.34
N ALA A 42 -4.47 -3.96 14.93
CA ALA A 42 -4.65 -3.62 13.52
C ALA A 42 -3.63 -2.58 13.07
N VAL A 43 -3.38 -1.57 13.90
CA VAL A 43 -2.44 -0.53 13.54
C VAL A 43 -1.03 -1.09 13.43
N LEU A 44 -0.68 -2.07 14.27
CA LEU A 44 0.62 -2.72 14.13
C LEU A 44 0.72 -3.43 12.78
N GLY A 45 -0.35 -4.11 12.39
CA GLY A 45 -0.33 -4.73 11.06
C GLY A 45 -0.07 -3.72 9.96
N SER A 46 -0.82 -2.62 10.00
CA SER A 46 -0.62 -1.58 8.99
C SER A 46 0.77 -0.97 9.08
N LEU A 47 1.33 -0.88 10.29
CA LEU A 47 2.65 -0.30 10.47
C LEU A 47 3.70 -1.16 9.81
N GLN A 48 3.60 -2.48 10.00
CA GLN A 48 4.54 -3.41 9.32
C GLN A 48 4.36 -3.20 7.81
N PHE A 49 3.11 -3.18 7.33
CA PHE A 49 2.88 -3.01 5.91
C PHE A 49 3.62 -1.80 5.37
N GLY A 50 3.45 -0.65 6.03
CA GLY A 50 4.13 0.56 5.57
C GLY A 50 5.64 0.43 5.63
N TYR A 51 6.16 -0.11 6.74
CA TYR A 51 7.60 -0.27 6.87
C TYR A 51 8.16 -1.09 5.72
N ASN A 52 7.50 -2.21 5.40
CA ASN A 52 7.97 -3.04 4.29
C ASN A 52 7.86 -2.29 2.97
N ILE A 53 6.86 -1.43 2.80
CA ILE A 53 6.80 -0.63 1.59
C ILE A 53 8.04 0.24 1.46
N GLY A 54 8.43 0.90 2.54
CA GLY A 54 9.42 1.96 2.42
C GLY A 54 10.84 1.64 2.84
N VAL A 55 11.09 0.45 3.39
CA VAL A 55 12.40 0.15 3.95
C VAL A 55 13.47 0.00 2.88
N ILE A 56 13.07 -0.28 1.63
CA ILE A 56 14.04 -0.59 0.59
C ILE A 56 14.82 0.62 0.11
N ASN A 57 14.31 1.83 0.35
CA ASN A 57 14.86 2.99 -0.35
C ASN A 57 16.26 3.33 0.12
N ALA A 58 16.48 3.34 1.43
CA ALA A 58 17.73 3.87 1.97
C ALA A 58 18.92 2.94 1.76
N PRO A 59 18.78 1.63 2.00
CA PRO A 59 19.96 0.76 1.94
C PRO A 59 20.36 0.33 0.53
N GLN A 60 19.81 0.97 -0.50
CA GLN A 60 20.05 0.48 -1.86
C GLN A 60 21.53 0.41 -2.18
N LYS A 61 22.26 1.50 -1.93
CA LYS A 61 23.66 1.56 -2.30
C LYS A 61 24.55 0.69 -1.44
N VAL A 62 24.02 0.09 -0.38
CA VAL A 62 24.76 -0.85 0.45
C VAL A 62 24.39 -2.28 0.09
N ILE A 63 23.09 -2.56 -0.07
CA ILE A 63 22.66 -3.88 -0.48
C ILE A 63 23.25 -4.23 -1.84
N GLU A 64 23.32 -3.26 -2.75
CA GLU A 64 23.90 -3.56 -4.06
C GLU A 64 25.37 -3.94 -3.94
N GLN A 65 26.12 -3.24 -3.11
CA GLN A 65 27.53 -3.61 -2.92
C GLN A 65 27.62 -5.01 -2.32
N SER A 66 26.72 -5.34 -1.40
CA SER A 66 26.72 -6.69 -0.85
C SER A 66 26.44 -7.74 -1.92
N TYR A 67 25.49 -7.45 -2.81
CA TYR A 67 25.22 -8.37 -3.92
C TYR A 67 26.48 -8.59 -4.74
N ASN A 68 27.14 -7.50 -5.09
CA ASN A 68 28.41 -7.58 -5.80
C ASN A 68 29.38 -8.50 -5.07
N GLU A 69 29.47 -8.33 -3.76
CA GLU A 69 30.39 -9.13 -2.95
C GLU A 69 30.09 -10.61 -3.06
N THR A 70 28.82 -10.99 -2.85
CA THR A 70 28.47 -12.40 -2.95
C THR A 70 28.70 -12.93 -4.34
N TRP A 71 28.37 -12.16 -5.38
CA TRP A 71 28.43 -12.71 -6.75
C TRP A 71 29.84 -13.00 -7.09
N LEU A 72 30.74 -12.40 -6.37
CA LEU A 72 32.09 -12.77 -6.79
C LEU A 72 32.40 -13.98 -5.95
N GLY A 73 32.05 -13.87 -4.68
CA GLY A 73 32.39 -14.96 -3.74
C GLY A 73 32.02 -16.23 -4.42
N ARG A 74 31.02 -16.12 -5.26
CA ARG A 74 30.56 -17.30 -5.98
C ARG A 74 31.47 -17.62 -7.16
N GLN A 75 31.64 -16.68 -8.09
CA GLN A 75 32.30 -17.01 -9.35
C GLN A 75 33.74 -17.44 -9.12
N GLY A 76 34.52 -16.62 -8.40
CA GLY A 76 35.87 -17.00 -8.07
C GLY A 76 36.88 -16.68 -9.15
N PRO A 77 37.64 -17.69 -9.60
CA PRO A 77 38.81 -17.40 -10.44
C PRO A 77 38.48 -16.65 -11.72
N GLU A 78 37.35 -16.94 -12.35
CA GLU A 78 36.99 -16.29 -13.60
C GLU A 78 36.53 -14.85 -13.38
N GLY A 79 35.95 -14.56 -12.22
CA GLY A 79 35.34 -13.27 -11.96
C GLY A 79 36.14 -12.12 -12.51
N PRO A 80 35.47 -11.15 -13.15
CA PRO A 80 36.19 -10.00 -13.71
C PRO A 80 36.43 -8.90 -12.68
N SER A 81 36.26 -9.23 -11.41
CA SER A 81 36.44 -8.29 -10.31
C SER A 81 35.29 -7.30 -10.22
N SER A 82 34.13 -7.63 -10.79
CA SER A 82 32.97 -6.75 -10.69
C SER A 82 31.77 -7.50 -11.23
N ILE A 83 30.66 -7.42 -10.51
CA ILE A 83 29.40 -7.98 -11.04
C ILE A 83 28.96 -7.12 -12.22
N PRO A 84 28.66 -7.69 -13.38
CA PRO A 84 28.23 -6.88 -14.52
C PRO A 84 26.98 -6.08 -14.16
N PRO A 85 26.92 -4.80 -14.51
CA PRO A 85 25.82 -3.97 -14.02
C PRO A 85 24.44 -4.51 -14.37
N GLY A 86 24.30 -5.15 -15.54
CA GLY A 86 22.99 -5.64 -15.93
C GLY A 86 22.42 -6.63 -14.94
N THR A 87 23.24 -7.59 -14.52
CA THR A 87 22.76 -8.58 -13.56
C THR A 87 22.39 -7.93 -12.24
N LEU A 88 23.18 -6.98 -11.78
CA LEU A 88 22.90 -6.32 -10.50
C LEU A 88 21.60 -5.55 -10.56
N THR A 89 21.40 -4.78 -11.63
CA THR A 89 20.15 -4.04 -11.79
C THR A 89 18.97 -4.99 -11.85
N THR A 90 19.12 -6.10 -12.57
CA THR A 90 18.03 -7.08 -12.65
C THR A 90 17.71 -7.65 -11.28
N LEU A 91 18.74 -8.01 -10.51
CA LEU A 91 18.50 -8.59 -9.19
C LEU A 91 17.80 -7.61 -8.27
N TRP A 92 18.19 -6.33 -8.31
CA TRP A 92 17.56 -5.35 -7.43
C TRP A 92 16.11 -5.09 -7.85
N ALA A 93 15.90 -4.85 -9.14
CA ALA A 93 14.53 -4.68 -9.62
C ALA A 93 13.68 -5.88 -9.26
N LEU A 94 14.27 -7.08 -9.29
CA LEU A 94 13.55 -8.26 -8.84
C LEU A 94 13.26 -8.18 -7.35
N SER A 95 14.23 -7.71 -6.57
CA SER A 95 14.04 -7.66 -5.12
C SER A 95 12.83 -6.83 -4.74
N VAL A 96 12.47 -5.84 -5.57
CA VAL A 96 11.27 -5.02 -5.30
C VAL A 96 10.03 -5.55 -6.02
N ALA A 97 10.17 -5.90 -7.29
CA ALA A 97 9.03 -6.44 -8.01
C ALA A 97 8.51 -7.71 -7.37
N ILE A 98 9.31 -8.40 -6.58
CA ILE A 98 8.85 -9.62 -5.93
C ILE A 98 7.94 -9.28 -4.76
N PHE A 99 8.25 -8.21 -4.03
CA PHE A 99 7.26 -7.67 -3.11
C PHE A 99 5.94 -7.46 -3.83
N SER A 100 6.01 -6.83 -5.00
CA SER A 100 4.77 -6.55 -5.72
C SER A 100 4.05 -7.83 -6.14
N VAL A 101 4.81 -8.85 -6.54
CA VAL A 101 4.22 -10.12 -6.95
C VAL A 101 3.56 -10.82 -5.77
N GLY A 102 4.21 -10.80 -4.61
CA GLY A 102 3.56 -11.33 -3.43
C GLY A 102 2.25 -10.63 -3.17
N GLY A 103 2.22 -9.32 -3.40
CA GLY A 103 0.95 -8.60 -3.27
C GLY A 103 -0.11 -9.12 -4.25
N MET A 104 0.28 -9.30 -5.51
CA MET A 104 -0.66 -9.82 -6.49
C MET A 104 -1.25 -11.15 -6.03
N ILE A 105 -0.39 -12.08 -5.63
CA ILE A 105 -0.86 -13.39 -5.19
C ILE A 105 -1.75 -13.25 -3.97
N SER A 106 -1.45 -12.24 -3.14
CA SER A 106 -2.24 -12.01 -1.90
C SER A 106 -3.66 -11.55 -2.27
N SER A 107 -3.82 -10.81 -3.37
CA SER A 107 -5.13 -10.26 -3.70
C SER A 107 -6.17 -11.35 -3.94
N PHE A 108 -5.76 -12.48 -4.50
CA PHE A 108 -6.69 -13.57 -4.78
C PHE A 108 -7.26 -14.14 -3.49
N LEU A 109 -6.39 -14.47 -2.54
CA LEU A 109 -6.79 -15.26 -1.39
C LEU A 109 -7.56 -14.48 -0.33
N ILE A 110 -7.50 -13.15 -0.36
CA ILE A 110 -7.98 -12.31 0.73
C ILE A 110 -9.38 -12.72 1.14
N GLY A 111 -10.14 -13.34 0.23
CA GLY A 111 -11.52 -13.65 0.51
C GLY A 111 -11.76 -15.01 1.11
N ILE A 112 -11.22 -16.06 0.48
CA ILE A 112 -11.54 -17.43 0.90
C ILE A 112 -11.14 -17.65 2.34
N ILE A 113 -9.90 -17.29 2.69
CA ILE A 113 -9.41 -17.53 4.04
C ILE A 113 -10.22 -16.72 5.04
N SER A 114 -10.59 -15.50 4.68
CA SER A 114 -11.34 -14.66 5.61
C SER A 114 -12.65 -15.34 5.99
N GLN A 115 -13.35 -15.93 5.03
CA GLN A 115 -14.60 -16.62 5.33
C GLN A 115 -14.34 -17.96 6.00
N TRP A 116 -13.17 -18.57 5.75
CA TRP A 116 -12.90 -19.92 6.23
C TRP A 116 -12.45 -19.94 7.68
N LEU A 117 -11.41 -19.18 8.01
CA LEU A 117 -10.85 -19.16 9.36
C LEU A 117 -11.36 -18.02 10.22
N GLY A 118 -11.68 -16.87 9.62
CA GLY A 118 -12.14 -15.73 10.37
C GLY A 118 -11.23 -14.54 10.22
N ARG A 119 -11.12 -13.72 11.26
CA ARG A 119 -10.22 -12.57 11.27
C ARG A 119 -9.04 -12.76 12.21
N LYS A 120 -9.30 -13.05 13.48
CA LYS A 120 -8.19 -13.24 14.43
C LYS A 120 -7.28 -14.38 13.99
N ARG A 121 -7.87 -15.56 13.74
CA ARG A 121 -7.06 -16.68 13.30
C ARG A 121 -6.32 -16.34 12.01
N ALA A 122 -6.99 -15.61 11.12
CA ALA A 122 -6.34 -15.22 9.88
C ALA A 122 -5.12 -14.35 10.15
N MET A 123 -5.25 -13.37 11.05
CA MET A 123 -4.10 -12.51 11.34
C MET A 123 -2.99 -13.29 12.04
N LEU A 124 -3.33 -14.25 12.89
CA LEU A 124 -2.27 -15.04 13.53
C LEU A 124 -1.48 -15.87 12.53
N VAL A 125 -2.18 -16.60 11.64
CA VAL A 125 -1.47 -17.39 10.64
C VAL A 125 -0.67 -16.48 9.73
N ASN A 126 -1.27 -15.36 9.32
CA ASN A 126 -0.61 -14.43 8.43
C ASN A 126 0.61 -13.82 9.12
N ASN A 127 0.58 -13.72 10.45
CA ASN A 127 1.75 -13.27 11.19
C ASN A 127 2.84 -14.33 11.20
N VAL A 128 2.45 -15.60 11.25
CA VAL A 128 3.45 -16.66 11.08
C VAL A 128 4.16 -16.47 9.75
N LEU A 129 3.40 -16.17 8.70
CA LEU A 129 4.01 -15.87 7.41
C LEU A 129 4.96 -14.69 7.52
N ALA A 130 4.55 -13.65 8.24
CA ALA A 130 5.38 -12.45 8.39
C ALA A 130 6.69 -12.79 9.09
N VAL A 131 6.63 -13.60 10.15
CA VAL A 131 7.84 -13.97 10.88
C VAL A 131 8.79 -14.74 9.97
N LEU A 132 8.24 -15.70 9.22
CA LEU A 132 9.08 -16.45 8.30
C LEU A 132 9.76 -15.52 7.31
N GLY A 133 9.00 -14.61 6.71
CA GLY A 133 9.57 -13.72 5.71
C GLY A 133 10.64 -12.81 6.29
N GLY A 134 10.37 -12.23 7.46
CA GLY A 134 11.35 -11.34 8.07
C GLY A 134 12.62 -12.06 8.45
N SER A 135 12.50 -13.29 8.97
CA SER A 135 13.69 -14.07 9.27
C SER A 135 14.47 -14.37 8.00
N LEU A 136 13.78 -14.73 6.92
CA LEU A 136 14.46 -15.04 5.67
C LEU A 136 15.21 -13.82 5.15
N MET A 137 14.58 -12.64 5.21
CA MET A 137 15.27 -11.43 4.77
C MET A 137 16.46 -11.11 5.66
N GLY A 138 16.31 -11.27 6.98
CA GLY A 138 17.36 -10.90 7.89
C GLY A 138 18.60 -11.78 7.78
N LEU A 139 18.42 -13.08 7.58
CA LEU A 139 19.51 -14.02 7.54
C LEU A 139 20.13 -14.15 6.15
N ALA A 140 19.96 -13.14 5.31
CA ALA A 140 20.44 -13.24 3.92
C ALA A 140 21.96 -13.15 3.85
N ASN A 141 22.52 -12.04 4.36
CA ASN A 141 23.95 -11.81 4.22
C ASN A 141 24.75 -12.91 4.90
N ALA A 142 24.33 -13.32 6.09
CA ALA A 142 25.02 -14.41 6.78
C ALA A 142 25.06 -15.67 5.94
N ALA A 143 24.04 -15.89 5.13
CA ALA A 143 23.96 -17.07 4.28
C ALA A 143 24.71 -16.92 2.97
N ALA A 144 25.32 -15.75 2.73
CA ALA A 144 26.10 -15.52 1.52
C ALA A 144 25.29 -15.86 0.28
N SER A 145 24.01 -15.45 0.27
CA SER A 145 23.16 -15.66 -0.88
C SER A 145 22.09 -14.58 -0.89
N TYR A 146 21.70 -14.17 -2.10
CA TYR A 146 20.66 -13.16 -2.26
C TYR A 146 19.33 -13.74 -2.73
N GLU A 147 19.30 -14.99 -3.19
CA GLU A 147 18.03 -15.65 -3.44
C GLU A 147 17.20 -15.68 -2.17
N MET A 148 17.86 -15.81 -1.02
CA MET A 148 17.15 -15.78 0.25
C MET A 148 16.43 -14.45 0.43
N LEU A 149 17.11 -13.35 0.08
CA LEU A 149 16.48 -12.03 0.26
C LEU A 149 15.27 -11.88 -0.64
N ILE A 150 15.38 -12.32 -1.90
CA ILE A 150 14.25 -12.21 -2.82
C ILE A 150 13.09 -13.06 -2.33
N LEU A 151 13.37 -14.29 -1.88
CA LEU A 151 12.30 -15.14 -1.37
C LEU A 151 11.64 -14.51 -0.15
N GLY A 152 12.45 -13.94 0.75
CA GLY A 152 11.89 -13.27 1.90
C GLY A 152 11.03 -12.08 1.51
N ARG A 153 11.43 -11.38 0.45
CA ARG A 153 10.63 -10.26 -0.02
C ARG A 153 9.31 -10.74 -0.61
N PHE A 154 9.31 -11.89 -1.28
CA PHE A 154 8.05 -12.48 -1.73
C PHE A 154 7.15 -12.79 -0.54
N LEU A 155 7.71 -13.43 0.49
CA LEU A 155 6.92 -13.75 1.67
C LEU A 155 6.37 -12.50 2.33
N ILE A 156 7.18 -11.45 2.43
CA ILE A 156 6.71 -10.24 3.09
C ILE A 156 5.72 -9.49 2.20
N GLY A 157 5.81 -9.66 0.89
CA GLY A 157 4.76 -9.12 0.02
C GLY A 157 3.43 -9.81 0.23
N ALA A 158 3.45 -11.13 0.36
CA ALA A 158 2.22 -11.84 0.73
C ALA A 158 1.70 -11.36 2.07
N TYR A 159 2.60 -11.19 3.05
CA TYR A 159 2.22 -10.59 4.32
C TYR A 159 1.50 -9.26 4.14
N SER A 160 2.13 -8.36 3.39
CA SER A 160 1.60 -7.01 3.26
C SER A 160 0.23 -7.04 2.61
N GLY A 161 0.07 -7.82 1.55
CA GLY A 161 -1.23 -7.92 0.92
C GLY A 161 -2.30 -8.44 1.86
N LEU A 162 -1.98 -9.52 2.58
CA LEU A 162 -2.95 -10.12 3.47
C LEU A 162 -3.34 -9.15 4.59
N THR A 163 -2.38 -8.46 5.16
CA THR A 163 -2.71 -7.54 6.26
C THR A 163 -3.48 -6.34 5.74
N SER A 164 -3.14 -5.83 4.55
CA SER A 164 -3.91 -4.74 3.98
C SER A 164 -5.36 -5.16 3.76
N GLY A 165 -5.56 -6.40 3.32
CA GLY A 165 -6.92 -6.90 3.15
C GLY A 165 -7.66 -7.07 4.47
N LEU A 166 -6.97 -7.59 5.49
CA LEU A 166 -7.64 -8.05 6.70
C LEU A 166 -7.75 -7.01 7.80
N VAL A 167 -6.93 -5.96 7.77
CA VAL A 167 -6.93 -4.99 8.86
C VAL A 167 -8.13 -4.05 8.72
N PRO A 168 -8.31 -3.37 7.58
CA PRO A 168 -9.50 -2.51 7.44
C PRO A 168 -10.78 -3.25 7.73
N MET A 169 -10.89 -4.48 7.25
CA MET A 169 -12.07 -5.28 7.53
C MET A 169 -12.28 -5.46 9.03
N TYR A 170 -11.21 -5.83 9.74
CA TYR A 170 -11.36 -6.11 11.16
C TYR A 170 -11.73 -4.84 11.94
N VAL A 171 -11.05 -3.73 11.65
CA VAL A 171 -11.36 -2.50 12.39
C VAL A 171 -12.77 -2.03 12.06
N GLY A 172 -13.22 -2.23 10.82
CA GLY A 172 -14.59 -1.90 10.48
C GLY A 172 -15.60 -2.77 11.21
N GLU A 173 -15.27 -4.05 11.41
CA GLU A 173 -16.18 -4.91 12.15
C GLU A 173 -16.27 -4.51 13.62
N ILE A 174 -15.12 -4.37 14.28
CA ILE A 174 -15.13 -4.07 15.71
C ILE A 174 -15.62 -2.65 15.97
N ALA A 175 -15.33 -1.72 15.08
CA ALA A 175 -15.56 -0.32 15.38
C ALA A 175 -17.02 -0.09 15.75
N PRO A 176 -17.31 0.68 16.80
CA PRO A 176 -18.71 0.94 17.15
C PRO A 176 -19.44 1.67 16.03
N THR A 177 -20.72 1.95 16.24
CA THR A 177 -21.55 2.46 15.16
C THR A 177 -20.99 3.75 14.57
N HIS A 178 -20.45 4.63 15.41
CA HIS A 178 -20.20 6.01 15.01
C HIS A 178 -18.72 6.39 15.00
N LEU A 179 -17.80 5.45 15.27
CA LEU A 179 -16.37 5.74 15.16
C LEU A 179 -15.75 5.15 13.90
N ARG A 180 -16.55 4.68 12.95
CA ARG A 180 -15.97 4.10 11.74
C ARG A 180 -15.13 5.13 10.99
N GLY A 181 -15.64 6.36 10.87
CA GLY A 181 -14.90 7.38 10.15
C GLY A 181 -13.57 7.71 10.80
N ALA A 182 -13.56 7.82 12.14
CA ALA A 182 -12.32 8.15 12.83
C ALA A 182 -11.28 7.05 12.66
N LEU A 183 -11.69 5.78 12.77
CA LEU A 183 -10.76 4.67 12.66
C LEU A 183 -10.33 4.40 11.23
N GLY A 184 -11.16 4.75 10.24
CA GLY A 184 -10.79 4.48 8.86
C GLY A 184 -9.48 5.14 8.48
N THR A 185 -9.30 6.40 8.86
CA THR A 185 -8.05 7.09 8.56
C THR A 185 -6.87 6.50 9.29
N LEU A 186 -7.10 5.65 10.30
CA LEU A 186 -5.99 5.06 11.02
C LEU A 186 -5.21 4.10 10.13
N ASN A 187 -5.89 3.34 9.27
CA ASN A 187 -5.21 2.42 8.37
C ASN A 187 -4.30 3.14 7.38
N GLN A 188 -4.46 4.45 7.20
CA GLN A 188 -3.61 5.20 6.30
C GLN A 188 -2.55 5.99 7.06
N LEU A 189 -2.93 6.54 8.22
CA LEU A 189 -1.94 7.14 9.10
C LEU A 189 -0.86 6.14 9.45
N ALA A 190 -1.26 4.91 9.78
CA ALA A 190 -0.29 3.90 10.18
C ALA A 190 0.67 3.57 9.04
N ILE A 191 0.14 3.40 7.83
CA ILE A 191 1.00 3.08 6.69
C ILE A 191 2.00 4.19 6.45
N VAL A 192 1.54 5.44 6.46
CA VAL A 192 2.46 6.53 6.15
C VAL A 192 3.50 6.70 7.27
N ILE A 193 3.07 6.53 8.53
CA ILE A 193 4.02 6.62 9.63
C ILE A 193 5.06 5.51 9.54
N GLY A 194 4.63 4.32 9.14
CA GLY A 194 5.58 3.23 8.96
C GLY A 194 6.57 3.52 7.85
N ILE A 195 6.09 4.07 6.74
CA ILE A 195 7.00 4.46 5.67
C ILE A 195 8.03 5.44 6.23
N LEU A 196 7.57 6.42 7.01
CA LEU A 196 8.50 7.40 7.56
C LEU A 196 9.51 6.74 8.48
N ILE A 197 9.06 5.83 9.35
CA ILE A 197 9.96 5.19 10.30
C ILE A 197 11.03 4.41 9.55
N ALA A 198 10.63 3.62 8.55
CA ALA A 198 11.61 2.90 7.76
C ALA A 198 12.52 3.85 7.01
N GLN A 199 12.00 5.03 6.66
CA GLN A 199 12.75 5.99 5.86
C GLN A 199 13.81 6.70 6.70
N VAL A 200 13.59 6.81 8.01
CA VAL A 200 14.58 7.41 8.89
C VAL A 200 15.50 6.36 9.50
N LEU A 201 15.03 5.12 9.65
CA LEU A 201 15.83 4.07 10.24
C LEU A 201 16.83 3.46 9.28
N GLY A 202 17.10 4.12 8.15
CA GLY A 202 18.04 3.61 7.18
C GLY A 202 19.20 4.54 6.90
N LEU A 203 19.39 5.54 7.75
CA LEU A 203 20.50 6.46 7.56
C LEU A 203 21.83 5.73 7.68
N GLU A 204 22.88 6.38 7.17
CA GLU A 204 24.21 5.77 7.23
C GLU A 204 24.66 5.59 8.66
N SER A 205 24.41 6.57 9.52
CA SER A 205 24.77 6.43 10.92
C SER A 205 23.85 5.46 11.64
N LEU A 206 22.58 5.42 11.28
CA LEU A 206 21.61 4.54 11.91
C LEU A 206 21.77 3.13 11.34
N LEU A 207 20.77 2.27 11.58
CA LEU A 207 20.86 0.88 11.16
C LEU A 207 21.33 0.72 9.73
N GLY A 208 20.98 1.66 8.85
CA GLY A 208 21.25 1.49 7.44
C GLY A 208 22.71 1.66 7.05
N THR A 209 23.56 0.73 7.46
CA THR A 209 24.98 0.76 7.11
C THR A 209 25.42 -0.63 6.67
N ALA A 210 26.71 -0.76 6.37
CA ALA A 210 27.23 -1.98 5.74
C ALA A 210 27.04 -3.18 6.65
N SER A 211 27.25 -3.03 7.94
CA SER A 211 27.29 -4.16 8.85
C SER A 211 25.94 -4.55 9.41
N LEU A 212 25.00 -3.61 9.51
CA LEU A 212 23.74 -3.85 10.19
C LEU A 212 22.52 -3.73 9.30
N TRP A 213 22.67 -3.57 7.98
CA TRP A 213 21.49 -3.39 7.17
C TRP A 213 20.47 -4.50 7.40
N PRO A 214 20.85 -5.78 7.54
CA PRO A 214 19.82 -6.80 7.78
C PRO A 214 18.90 -6.46 8.93
N LEU A 215 19.38 -5.73 9.93
CA LEU A 215 18.51 -5.38 11.05
C LEU A 215 17.24 -4.69 10.58
N LEU A 216 17.33 -3.72 9.66
CA LEU A 216 16.11 -3.17 9.09
C LEU A 216 15.23 -4.28 8.56
N LEU A 217 15.75 -5.06 7.64
CA LEU A 217 14.95 -6.13 7.08
C LEU A 217 14.58 -7.17 8.13
N GLY A 218 15.26 -7.16 9.27
CA GLY A 218 14.90 -8.03 10.38
C GLY A 218 14.01 -7.36 11.40
N LEU A 219 14.00 -6.04 11.45
CA LEU A 219 13.15 -5.35 12.42
C LEU A 219 11.69 -5.68 12.21
N THR A 220 11.27 -5.89 10.97
CA THR A 220 9.88 -6.22 10.69
C THR A 220 9.48 -7.56 11.30
N VAL A 221 10.40 -8.28 11.94
CA VAL A 221 10.01 -9.48 12.66
C VAL A 221 9.46 -9.11 14.04
N LEU A 222 10.05 -8.11 14.67
CA LEU A 222 9.70 -7.81 16.07
C LEU A 222 8.25 -7.39 16.23
N PRO A 223 7.75 -6.36 15.54
CA PRO A 223 6.34 -5.98 15.75
C PRO A 223 5.39 -7.13 15.50
N ALA A 224 5.62 -7.93 14.46
CA ALA A 224 4.76 -9.07 14.21
C ALA A 224 4.66 -9.95 15.44
N LEU A 225 5.81 -10.34 16.01
CA LEU A 225 5.77 -11.12 17.23
C LEU A 225 4.89 -10.46 18.28
N LEU A 226 5.08 -9.15 18.49
CA LEU A 226 4.25 -8.44 19.44
C LEU A 226 2.77 -8.64 19.13
N GLN A 227 2.39 -8.40 17.88
CA GLN A 227 0.99 -8.61 17.51
C GLN A 227 0.56 -10.03 17.83
N LEU A 228 1.41 -11.01 17.51
CA LEU A 228 1.04 -12.40 17.74
C LEU A 228 0.80 -12.66 19.22
N VAL A 229 1.51 -11.94 20.10
CA VAL A 229 1.33 -12.17 21.53
C VAL A 229 0.28 -11.25 22.13
N LEU A 230 -0.29 -10.33 21.34
CA LEU A 230 -1.36 -9.47 21.82
C LEU A 230 -2.73 -9.92 21.33
N LEU A 231 -2.81 -10.33 20.06
CA LEU A 231 -4.11 -10.65 19.47
C LEU A 231 -4.88 -11.70 20.26
N PRO A 232 -4.27 -12.77 20.75
CA PRO A 232 -5.07 -13.80 21.43
C PRO A 232 -5.98 -13.24 22.52
N PHE A 233 -5.54 -12.19 23.21
CA PHE A 233 -6.41 -11.56 24.20
C PHE A 233 -7.51 -10.74 23.56
N CYS A 234 -7.29 -10.27 22.33
CA CYS A 234 -8.25 -9.40 21.68
C CYS A 234 -9.53 -10.18 21.33
N PRO A 235 -10.64 -9.48 21.17
CA PRO A 235 -11.91 -10.15 20.89
C PRO A 235 -12.01 -10.54 19.41
N GLU A 236 -13.11 -11.22 19.09
CA GLU A 236 -13.39 -11.67 17.73
C GLU A 236 -14.45 -10.75 17.12
N SER A 237 -14.25 -10.40 15.85
CA SER A 237 -15.15 -9.46 15.18
C SER A 237 -16.58 -10.00 15.19
N PRO A 238 -17.54 -9.28 15.76
CA PRO A 238 -18.91 -9.84 15.87
C PRO A 238 -19.55 -10.16 14.54
N ARG A 239 -19.33 -9.34 13.50
CA ARG A 239 -20.07 -9.55 12.25
C ARG A 239 -19.74 -10.91 11.66
N TYR A 240 -18.45 -11.25 11.60
CA TYR A 240 -18.10 -12.57 11.08
C TYR A 240 -18.66 -13.67 11.97
N LEU A 241 -18.61 -13.46 13.29
CA LEU A 241 -19.02 -14.52 14.20
C LEU A 241 -20.49 -14.84 14.03
N TYR A 242 -21.34 -13.82 13.84
CA TYR A 242 -22.77 -14.04 13.74
C TYR A 242 -23.20 -14.33 12.29
N ILE A 243 -22.84 -13.44 11.36
CA ILE A 243 -23.30 -13.56 9.98
C ILE A 243 -22.88 -14.90 9.39
N ILE A 244 -21.60 -15.24 9.52
CA ILE A 244 -21.03 -16.37 8.78
C ILE A 244 -21.19 -17.65 9.58
N GLN A 245 -20.60 -17.70 10.77
CA GLN A 245 -20.62 -18.89 11.60
C GLN A 245 -21.89 -19.04 12.42
N ASN A 246 -22.82 -18.10 12.29
CA ASN A 246 -24.15 -18.16 12.92
C ASN A 246 -24.09 -18.72 14.35
N LEU A 247 -23.29 -18.05 15.17
CA LEU A 247 -23.37 -18.19 16.62
C LEU A 247 -23.71 -16.82 17.20
N GLU A 248 -24.73 -16.78 18.05
CA GLU A 248 -25.19 -15.55 18.67
C GLU A 248 -24.61 -15.32 20.06
N GLY A 249 -24.46 -16.38 20.86
CA GLY A 249 -23.94 -16.24 22.20
C GLY A 249 -22.53 -15.69 22.23
N PRO A 250 -21.62 -16.32 21.49
CA PRO A 250 -20.27 -15.77 21.40
C PRO A 250 -20.24 -14.38 20.79
N ALA A 251 -21.11 -14.10 19.82
CA ALA A 251 -21.20 -12.75 19.28
C ALA A 251 -21.62 -11.77 20.37
N ARG A 252 -22.60 -12.15 21.18
CA ARG A 252 -23.01 -11.29 22.29
C ARG A 252 -21.88 -11.05 23.27
N LYS A 253 -21.12 -12.11 23.58
CA LYS A 253 -20.00 -11.95 24.50
C LYS A 253 -18.94 -11.01 23.92
N SER A 254 -18.61 -11.18 22.65
CA SER A 254 -17.63 -10.29 22.01
C SER A 254 -18.12 -8.86 22.03
N LEU A 255 -19.40 -8.64 21.73
CA LEU A 255 -19.95 -7.29 21.77
C LEU A 255 -19.88 -6.72 23.18
N LYS A 256 -20.20 -7.53 24.19
CA LYS A 256 -20.13 -7.06 25.56
C LYS A 256 -18.72 -6.61 25.93
N ARG A 257 -17.72 -7.42 25.56
CA ARG A 257 -16.34 -7.08 25.87
C ARG A 257 -15.79 -5.99 24.96
N LEU A 258 -16.49 -5.65 23.87
CA LEU A 258 -16.04 -4.61 22.95
C LEU A 258 -16.61 -3.24 23.36
N THR A 259 -17.93 -3.12 23.42
CA THR A 259 -18.54 -1.85 23.77
C THR A 259 -18.77 -1.68 25.27
N GLY A 260 -18.98 -2.77 26.00
CA GLY A 260 -19.04 -2.73 27.44
C GLY A 260 -20.42 -2.51 28.05
N TRP A 261 -21.44 -2.24 27.24
CA TRP A 261 -22.76 -2.04 27.80
C TRP A 261 -23.26 -3.34 28.42
N ALA A 262 -24.18 -3.19 29.39
CA ALA A 262 -24.74 -4.36 30.06
C ALA A 262 -25.46 -5.27 29.07
N ASP A 263 -26.24 -4.69 28.16
CA ASP A 263 -26.96 -5.45 27.15
C ASP A 263 -26.65 -4.88 25.77
N VAL A 264 -26.47 -5.78 24.80
CA VAL A 264 -26.11 -5.39 23.44
C VAL A 264 -27.22 -5.80 22.50
N SER A 265 -28.47 -5.75 22.97
CA SER A 265 -29.60 -6.17 22.15
C SER A 265 -29.70 -5.33 20.89
N GLY A 266 -29.48 -4.02 21.00
CA GLY A 266 -29.66 -3.16 19.84
C GLY A 266 -28.71 -3.48 18.71
N VAL A 267 -27.43 -3.70 19.02
CA VAL A 267 -26.45 -3.92 17.97
C VAL A 267 -26.71 -5.24 17.25
N LEU A 268 -27.09 -6.29 17.99
CA LEU A 268 -27.40 -7.55 17.34
C LEU A 268 -28.70 -7.46 16.56
N ALA A 269 -29.66 -6.68 17.05
CA ALA A 269 -30.87 -6.42 16.26
C ALA A 269 -30.51 -5.78 14.93
N GLU A 270 -29.58 -4.83 14.95
CA GLU A 270 -29.10 -4.25 13.71
C GLU A 270 -28.38 -5.29 12.85
N LEU A 271 -27.59 -6.16 13.48
CA LEU A 271 -26.89 -7.20 12.74
C LEU A 271 -27.88 -8.09 11.98
N LYS A 272 -29.05 -8.30 12.57
CA LYS A 272 -30.04 -9.15 11.92
C LYS A 272 -30.48 -8.58 10.57
N ASP A 273 -30.70 -7.27 10.48
CA ASP A 273 -31.18 -6.71 9.22
C ASP A 273 -30.14 -6.83 8.13
N GLU A 274 -28.87 -6.63 8.45
CA GLU A 274 -27.84 -6.79 7.41
C GLU A 274 -27.62 -8.27 7.08
N LYS A 275 -27.86 -9.17 8.04
CA LYS A 275 -27.92 -10.59 7.69
C LYS A 275 -29.00 -10.83 6.63
N ARG A 276 -30.18 -10.25 6.86
CA ARG A 276 -31.27 -10.39 5.89
C ARG A 276 -30.86 -9.83 4.54
N LYS A 277 -30.24 -8.64 4.55
CA LYS A 277 -29.84 -8.01 3.30
C LYS A 277 -28.82 -8.87 2.55
N LEU A 278 -27.84 -9.42 3.27
CA LEU A 278 -26.84 -10.26 2.62
C LEU A 278 -27.49 -11.50 2.02
N GLU A 279 -28.38 -12.16 2.76
CA GLU A 279 -29.01 -13.35 2.21
C GLU A 279 -29.94 -13.02 1.05
N ARG A 280 -30.45 -11.78 0.99
CA ARG A 280 -31.24 -11.34 -0.15
C ARG A 280 -30.38 -10.81 -1.29
N GLU A 281 -29.08 -10.68 -1.10
CA GLU A 281 -28.14 -10.29 -2.16
C GLU A 281 -26.86 -11.08 -1.94
N ARG A 282 -26.76 -12.24 -2.57
CA ARG A 282 -25.57 -13.07 -2.44
C ARG A 282 -24.45 -12.50 -3.31
N PRO A 283 -23.27 -12.21 -2.75
CA PRO A 283 -22.24 -11.57 -3.56
C PRO A 283 -21.86 -12.43 -4.76
N LEU A 284 -21.61 -11.77 -5.89
CA LEU A 284 -21.27 -12.48 -7.11
C LEU A 284 -19.85 -13.02 -7.03
N SER A 285 -19.60 -14.08 -7.81
CA SER A 285 -18.27 -14.64 -7.91
C SER A 285 -17.43 -13.86 -8.92
N LEU A 286 -16.11 -13.96 -8.76
CA LEU A 286 -15.20 -13.13 -9.55
C LEU A 286 -15.43 -13.35 -11.05
N LEU A 287 -15.39 -14.61 -11.49
CA LEU A 287 -15.67 -14.89 -12.89
C LEU A 287 -17.11 -14.55 -13.24
N GLN A 288 -18.02 -14.72 -12.27
CA GLN A 288 -19.40 -14.31 -12.49
C GLN A 288 -19.49 -12.80 -12.70
N LEU A 289 -18.78 -12.03 -11.86
CA LEU A 289 -18.84 -10.58 -11.97
C LEU A 289 -18.26 -10.11 -13.29
N LEU A 290 -17.08 -10.62 -13.66
CA LEU A 290 -16.52 -10.25 -14.95
C LEU A 290 -17.42 -10.66 -16.11
N GLY A 291 -18.25 -11.67 -15.90
CA GLY A 291 -19.13 -12.18 -16.94
C GLY A 291 -20.49 -11.50 -17.01
N SER A 292 -20.71 -10.43 -16.26
CA SER A 292 -21.99 -9.71 -16.26
C SER A 292 -21.81 -8.41 -17.02
N ARG A 293 -22.47 -8.29 -18.18
CA ARG A 293 -22.34 -7.10 -18.99
C ARG A 293 -22.80 -5.85 -18.26
N THR A 294 -23.71 -5.99 -17.30
CA THR A 294 -24.23 -4.82 -16.59
C THR A 294 -23.11 -4.10 -15.84
N HIS A 295 -22.19 -4.84 -15.24
CA HIS A 295 -21.22 -4.29 -14.32
C HIS A 295 -19.96 -3.78 -15.01
N ARG A 296 -19.88 -3.86 -16.34
CA ARG A 296 -18.64 -3.50 -17.02
C ARG A 296 -18.28 -2.05 -16.77
N GLN A 297 -19.09 -1.11 -17.26
CA GLN A 297 -18.74 0.31 -17.18
C GLN A 297 -18.27 0.72 -15.79
N PRO A 298 -18.92 0.32 -14.70
CA PRO A 298 -18.30 0.54 -13.39
C PRO A 298 -16.93 -0.12 -13.29
N LEU A 299 -16.84 -1.42 -13.54
CA LEU A 299 -15.57 -2.13 -13.39
C LEU A 299 -14.44 -1.37 -14.06
N ILE A 300 -14.53 -1.14 -15.37
CA ILE A 300 -13.45 -0.47 -16.08
C ILE A 300 -13.05 0.80 -15.34
N ILE A 301 -14.03 1.63 -14.99
CA ILE A 301 -13.71 2.85 -14.26
C ILE A 301 -12.78 2.53 -13.11
N ALA A 302 -13.25 1.69 -12.17
CA ALA A 302 -12.41 1.29 -11.05
C ALA A 302 -11.00 0.97 -11.52
N VAL A 303 -10.86 0.03 -12.45
CA VAL A 303 -9.53 -0.43 -12.83
C VAL A 303 -8.69 0.75 -13.27
N VAL A 304 -9.22 1.59 -14.17
CA VAL A 304 -8.40 2.68 -14.68
C VAL A 304 -7.94 3.56 -13.54
N LEU A 305 -8.85 3.88 -12.62
CA LEU A 305 -8.46 4.70 -11.49
C LEU A 305 -7.24 4.12 -10.79
N GLN A 306 -7.27 2.81 -10.52
CA GLN A 306 -6.13 2.19 -9.86
C GLN A 306 -4.86 2.38 -10.68
N LEU A 307 -4.94 2.16 -11.99
CA LEU A 307 -3.79 2.42 -12.83
C LEU A 307 -3.33 3.86 -12.67
N SER A 308 -4.28 4.80 -12.68
CA SER A 308 -3.92 6.21 -12.52
C SER A 308 -3.26 6.42 -11.17
N GLN A 309 -3.69 5.70 -10.14
CA GLN A 309 -3.05 5.83 -8.84
C GLN A 309 -1.65 5.24 -8.87
N GLN A 310 -1.45 4.18 -9.66
CA GLN A 310 -0.20 3.43 -9.62
C GLN A 310 0.76 3.85 -10.73
N LEU A 311 0.28 3.84 -11.97
CA LEU A 311 1.12 4.28 -13.09
C LEU A 311 1.42 5.77 -13.03
N SER A 312 0.93 6.47 -12.01
CA SER A 312 1.33 7.87 -11.82
C SER A 312 2.82 7.98 -11.62
N GLY A 313 3.40 7.06 -10.85
CA GLY A 313 4.82 7.05 -10.57
C GLY A 313 5.18 7.33 -9.13
N ILE A 314 4.23 7.27 -8.20
CA ILE A 314 4.56 7.53 -6.81
C ILE A 314 5.50 6.46 -6.27
N ASN A 315 5.26 5.20 -6.62
CA ASN A 315 6.13 4.14 -6.12
C ASN A 315 7.57 4.34 -6.55
N ALA A 316 7.80 5.03 -7.66
CA ALA A 316 9.16 5.46 -7.96
C ALA A 316 9.73 6.29 -6.82
N VAL A 317 8.96 7.26 -6.34
CA VAL A 317 9.43 8.11 -5.25
C VAL A 317 9.54 7.34 -3.94
N PHE A 318 8.70 6.33 -3.74
CA PHE A 318 8.76 5.58 -2.49
C PHE A 318 9.92 4.61 -2.47
N TYR A 319 10.31 4.07 -3.63
CA TYR A 319 11.37 3.07 -3.69
C TYR A 319 12.73 3.71 -3.96
N TYR A 320 12.86 4.43 -5.08
CA TYR A 320 14.16 4.88 -5.57
C TYR A 320 14.40 6.37 -5.37
N SER A 321 13.75 7.00 -4.38
CA SER A 321 13.90 8.44 -4.23
C SER A 321 15.33 8.82 -3.84
N THR A 322 16.01 7.97 -3.07
CA THR A 322 17.40 8.26 -2.75
C THR A 322 18.24 8.33 -4.01
N SER A 323 18.05 7.37 -4.92
CA SER A 323 18.82 7.37 -6.16
C SER A 323 18.44 8.55 -7.05
N ILE A 324 17.14 8.90 -7.10
CA ILE A 324 16.74 10.05 -7.90
C ILE A 324 17.41 11.32 -7.38
N PHE A 325 17.39 11.51 -6.06
CA PHE A 325 17.99 12.71 -5.48
C PHE A 325 19.50 12.72 -5.72
N GLU A 326 20.16 11.58 -5.55
CA GLU A 326 21.60 11.54 -5.81
C GLU A 326 21.90 11.87 -7.26
N THR A 327 21.07 11.38 -8.19
CA THR A 327 21.21 11.75 -9.59
C THR A 327 20.94 13.22 -9.79
N ALA A 328 19.94 13.77 -9.10
CA ALA A 328 19.59 15.17 -9.24
C ALA A 328 20.65 16.10 -8.66
N GLY A 329 21.70 15.56 -8.05
CA GLY A 329 22.75 16.40 -7.48
C GLY A 329 22.47 16.88 -6.09
N VAL A 330 21.44 16.36 -5.41
CA VAL A 330 21.14 16.83 -4.06
C VAL A 330 22.38 16.65 -3.19
N GLY A 331 22.48 17.50 -2.16
CA GLY A 331 23.64 17.44 -1.27
C GLY A 331 23.69 16.14 -0.49
N GLN A 332 22.57 15.73 0.09
CA GLN A 332 22.52 14.53 0.91
C GLN A 332 21.18 13.84 0.66
N PRO A 333 21.15 12.86 -0.24
CA PRO A 333 19.85 12.27 -0.62
C PRO A 333 19.04 11.73 0.54
N ALA A 334 19.68 11.18 1.58
CA ALA A 334 18.91 10.53 2.64
C ALA A 334 18.01 11.53 3.36
N TYR A 335 18.54 12.72 3.68
CA TYR A 335 17.73 13.71 4.35
C TYR A 335 16.54 14.13 3.49
N ALA A 336 16.77 14.31 2.18
CA ALA A 336 15.66 14.61 1.30
C ALA A 336 14.64 13.47 1.28
N THR A 337 15.11 12.24 1.44
CA THR A 337 14.18 11.12 1.48
C THR A 337 13.28 11.20 2.71
N ILE A 338 13.86 11.46 3.88
CA ILE A 338 13.01 11.65 5.06
C ILE A 338 12.10 12.85 4.87
N GLY A 339 12.57 13.88 4.17
CA GLY A 339 11.71 15.01 3.88
C GLY A 339 10.49 14.61 3.07
N ALA A 340 10.69 13.80 2.05
CA ALA A 340 9.56 13.31 1.28
C ALA A 340 8.62 12.52 2.16
N GLY A 341 9.17 11.69 3.05
CA GLY A 341 8.31 10.94 3.96
C GLY A 341 7.47 11.84 4.86
N VAL A 342 8.09 12.88 5.42
CA VAL A 342 7.35 13.73 6.36
C VAL A 342 6.31 14.56 5.62
N VAL A 343 6.61 15.00 4.39
CA VAL A 343 5.60 15.70 3.61
C VAL A 343 4.44 14.76 3.30
N ASN A 344 4.75 13.51 2.97
CA ASN A 344 3.70 12.52 2.77
C ASN A 344 2.80 12.43 3.99
N THR A 345 3.40 12.37 5.18
CA THR A 345 2.58 12.27 6.40
C THR A 345 1.72 13.51 6.60
N VAL A 346 2.33 14.69 6.45
CA VAL A 346 1.60 15.94 6.70
C VAL A 346 0.40 16.03 5.77
N PHE A 347 0.60 15.76 4.48
CA PHE A 347 -0.52 15.86 3.57
C PHE A 347 -1.43 14.65 3.60
N THR A 348 -1.01 13.54 4.21
CA THR A 348 -1.98 12.52 4.58
C THR A 348 -2.99 13.07 5.58
N LEU A 349 -2.50 13.74 6.62
CA LEU A 349 -3.43 14.35 7.58
C LEU A 349 -4.28 15.41 6.90
N VAL A 350 -3.67 16.22 6.02
CA VAL A 350 -4.43 17.24 5.33
C VAL A 350 -5.54 16.62 4.50
N SER A 351 -5.24 15.53 3.78
CA SER A 351 -6.26 14.88 2.98
C SER A 351 -7.37 14.31 3.85
N VAL A 352 -7.02 13.76 5.01
CA VAL A 352 -8.04 13.28 5.93
C VAL A 352 -8.96 14.43 6.33
N LEU A 353 -8.40 15.62 6.51
CA LEU A 353 -9.23 16.78 6.80
C LEU A 353 -10.06 17.19 5.59
N LEU A 354 -9.51 17.05 4.39
CA LEU A 354 -10.11 17.61 3.18
C LEU A 354 -11.27 16.76 2.66
N VAL A 355 -11.02 15.47 2.43
CA VAL A 355 -11.97 14.60 1.76
C VAL A 355 -13.35 14.74 2.40
N GLU A 356 -13.38 15.16 3.66
CA GLU A 356 -14.65 15.34 4.36
C GLU A 356 -15.50 16.42 3.71
N ARG A 357 -14.88 17.42 3.08
CA ARG A 357 -15.61 18.62 2.68
C ARG A 357 -15.18 19.15 1.31
N ALA A 358 -14.81 18.28 0.39
CA ALA A 358 -14.31 18.76 -0.90
C ALA A 358 -14.96 18.12 -2.11
N GLY A 359 -15.28 16.83 -2.03
CA GLY A 359 -15.71 16.07 -3.19
C GLY A 359 -14.73 14.95 -3.52
N ARG A 360 -15.13 14.14 -4.51
CA ARG A 360 -14.32 13.02 -4.95
C ARG A 360 -13.72 13.28 -6.33
N ARG A 361 -14.54 13.58 -7.32
CA ARG A 361 -13.99 13.82 -8.65
C ARG A 361 -13.04 15.01 -8.64
N THR A 362 -13.44 16.11 -8.01
CA THR A 362 -12.62 17.31 -8.05
C THR A 362 -11.27 17.06 -7.40
N LEU A 363 -11.25 16.34 -6.28
CA LEU A 363 -9.97 16.05 -5.64
C LEU A 363 -9.07 15.24 -6.55
N HIS A 364 -9.63 14.24 -7.23
CA HIS A 364 -8.80 13.41 -8.12
C HIS A 364 -8.25 14.23 -9.28
N LEU A 365 -9.08 15.07 -9.90
CA LEU A 365 -8.57 15.90 -10.99
C LEU A 365 -7.48 16.84 -10.50
N LEU A 366 -7.69 17.46 -9.34
CA LEU A 366 -6.69 18.37 -8.79
C LEU A 366 -5.39 17.64 -8.55
N GLY A 367 -5.47 16.45 -7.95
CA GLY A 367 -4.25 15.69 -7.67
C GLY A 367 -3.51 15.31 -8.94
N LEU A 368 -4.24 14.83 -9.94
CA LEU A 368 -3.59 14.43 -11.19
C LEU A 368 -2.93 15.63 -11.87
N ALA A 369 -3.63 16.76 -11.94
CA ALA A 369 -3.06 17.93 -12.59
C ALA A 369 -1.83 18.42 -11.85
N GLY A 370 -1.90 18.45 -10.52
CA GLY A 370 -0.75 18.87 -9.75
C GLY A 370 0.45 17.97 -9.94
N MET A 371 0.23 16.65 -9.93
CA MET A 371 1.36 15.76 -10.14
C MET A 371 1.93 15.93 -11.53
N CYS A 372 1.14 16.25 -12.52
CA CYS A 372 1.70 16.34 -13.89
C CYS A 372 2.56 17.58 -13.95
N GLY A 373 2.08 18.71 -13.53
CA GLY A 373 2.95 19.88 -13.66
C GLY A 373 4.19 19.73 -12.83
N CYS A 374 4.05 19.12 -11.66
CA CYS A 374 5.20 19.00 -10.75
C CYS A 374 6.25 18.13 -11.40
N ALA A 375 5.85 17.06 -12.07
CA ALA A 375 6.81 16.17 -12.76
C ALA A 375 7.35 16.83 -14.03
N ILE A 376 6.63 17.74 -14.66
CA ILE A 376 7.24 18.48 -15.81
C ILE A 376 8.20 19.53 -15.25
N LEU A 377 8.07 19.89 -13.99
CA LEU A 377 9.06 20.79 -13.36
C LEU A 377 10.29 19.93 -13.13
N MET A 378 10.09 18.82 -12.44
CA MET A 378 11.26 18.00 -12.13
C MET A 378 12.05 17.68 -13.40
N THR A 379 11.35 17.38 -14.49
CA THR A 379 12.03 17.12 -15.75
C THR A 379 12.88 18.31 -16.17
N VAL A 380 12.31 19.51 -16.11
CA VAL A 380 13.07 20.70 -16.48
C VAL A 380 14.25 20.87 -15.53
N ALA A 381 14.04 20.66 -14.23
CA ALA A 381 15.11 20.83 -13.27
C ALA A 381 16.28 19.90 -13.58
N LEU A 382 16.00 18.63 -13.85
CA LEU A 382 17.06 17.71 -14.24
C LEU A 382 17.73 18.16 -15.53
N LEU A 383 16.93 18.58 -16.51
CA LEU A 383 17.50 18.99 -17.79
C LEU A 383 18.43 20.18 -17.67
N LEU A 384 18.19 21.06 -16.71
CA LEU A 384 18.95 22.30 -16.58
C LEU A 384 19.95 22.26 -15.43
N LEU A 385 20.24 21.07 -14.90
CA LEU A 385 21.08 20.97 -13.71
C LEU A 385 22.47 21.50 -13.96
N GLU A 386 23.05 21.20 -15.13
CA GLU A 386 24.42 21.61 -15.39
C GLU A 386 24.55 23.13 -15.41
N ARG A 387 23.60 23.81 -16.05
CA ARG A 387 23.73 25.25 -16.24
C ARG A 387 23.57 26.01 -14.92
N VAL A 388 22.61 25.62 -14.10
CA VAL A 388 22.36 26.31 -12.83
C VAL A 388 22.47 25.28 -11.71
N PRO A 389 23.60 25.20 -11.00
CA PRO A 389 23.75 24.16 -9.98
C PRO A 389 22.68 24.20 -8.91
N ALA A 390 22.11 25.36 -8.60
CA ALA A 390 21.09 25.46 -7.57
C ALA A 390 19.82 24.73 -7.95
N MET A 391 19.65 24.35 -9.22
CA MET A 391 18.41 23.69 -9.63
C MET A 391 18.12 22.45 -8.80
N SER A 392 19.13 21.85 -8.18
CA SER A 392 18.87 20.70 -7.33
C SER A 392 17.77 21.02 -6.33
N TYR A 393 17.85 22.17 -5.66
CA TYR A 393 16.80 22.54 -4.72
C TYR A 393 15.43 22.51 -5.38
N VAL A 394 15.31 23.11 -6.57
CA VAL A 394 14.06 23.00 -7.31
C VAL A 394 13.61 21.55 -7.36
N SER A 395 14.45 20.68 -7.91
CA SER A 395 14.10 19.27 -7.96
C SER A 395 13.64 18.79 -6.59
N ILE A 396 14.40 19.11 -5.55
CA ILE A 396 14.06 18.70 -4.19
C ILE A 396 12.61 19.08 -3.97
N VAL A 397 12.30 20.38 -4.03
CA VAL A 397 10.95 20.81 -3.70
C VAL A 397 9.95 20.11 -4.60
N ALA A 398 10.26 20.00 -5.90
CA ALA A 398 9.31 19.39 -6.83
C ALA A 398 8.83 18.06 -6.30
N ILE A 399 9.73 17.21 -5.83
CA ILE A 399 9.32 15.87 -5.42
C ILE A 399 8.26 15.98 -4.33
N PHE A 400 8.49 16.81 -3.31
CA PHE A 400 7.48 16.96 -2.27
C PHE A 400 6.15 17.35 -2.89
N GLY A 401 6.16 18.37 -3.76
CA GLY A 401 4.94 18.71 -4.46
C GLY A 401 4.31 17.49 -5.09
N PHE A 402 5.07 16.76 -5.89
CA PHE A 402 4.59 15.48 -6.40
C PHE A 402 3.93 14.69 -5.29
N VAL A 403 4.70 14.30 -4.29
CA VAL A 403 4.14 13.51 -3.19
C VAL A 403 2.93 14.22 -2.61
N ALA A 404 3.09 15.52 -2.33
CA ALA A 404 1.98 16.29 -1.80
C ALA A 404 0.71 16.01 -2.58
N PHE A 405 0.73 16.29 -3.88
CA PHE A 405 -0.49 16.16 -4.66
C PHE A 405 -0.99 14.73 -4.65
N PHE A 406 -0.09 13.75 -4.67
CA PHE A 406 -0.54 12.37 -4.69
C PHE A 406 -1.40 12.08 -3.47
N GLU A 407 -1.03 12.63 -2.31
CA GLU A 407 -1.79 12.31 -1.11
C GLU A 407 -3.13 13.03 -1.08
N ILE A 408 -3.32 14.04 -1.91
CA ILE A 408 -4.58 14.77 -1.92
C ILE A 408 -5.58 14.02 -2.79
N GLY A 409 -5.31 13.94 -4.09
CA GLY A 409 -6.25 13.40 -5.02
C GLY A 409 -6.26 11.89 -5.12
N PRO A 410 -5.19 11.31 -5.68
CA PRO A 410 -5.23 9.88 -6.01
C PRO A 410 -4.83 8.93 -4.89
N GLY A 411 -4.38 9.44 -3.76
CA GLY A 411 -4.00 8.57 -2.67
C GLY A 411 -5.20 7.83 -2.13
N PRO A 412 -6.10 8.54 -1.46
CA PRO A 412 -7.29 7.90 -0.90
C PRO A 412 -8.43 7.71 -1.88
N ILE A 413 -8.60 8.66 -2.81
CA ILE A 413 -9.88 8.77 -3.52
C ILE A 413 -10.24 7.52 -4.30
N PRO A 414 -9.36 6.94 -5.11
CA PRO A 414 -9.78 5.76 -5.90
C PRO A 414 -10.52 4.73 -5.09
N TRP A 415 -10.12 4.52 -3.83
CA TRP A 415 -10.81 3.55 -3.00
C TRP A 415 -12.22 4.01 -2.64
N PHE A 416 -12.39 5.30 -2.35
CA PHE A 416 -13.73 5.80 -2.09
C PHE A 416 -14.61 5.64 -3.32
N ILE A 417 -14.09 5.98 -4.49
CA ILE A 417 -14.88 5.86 -5.72
C ILE A 417 -15.28 4.41 -5.94
N VAL A 418 -14.34 3.49 -5.78
CA VAL A 418 -14.65 2.09 -6.02
C VAL A 418 -15.68 1.59 -5.00
N ALA A 419 -15.52 1.96 -3.73
CA ALA A 419 -16.44 1.49 -2.71
C ALA A 419 -17.85 2.00 -2.95
N GLU A 420 -17.98 3.27 -3.32
CA GLU A 420 -19.31 3.85 -3.52
C GLU A 420 -19.87 3.57 -4.90
N LEU A 421 -19.07 3.03 -5.82
CA LEU A 421 -19.55 2.74 -7.17
C LEU A 421 -20.43 1.50 -7.19
N PHE A 422 -20.07 0.49 -6.39
CA PHE A 422 -20.69 -0.82 -6.46
C PHE A 422 -21.69 -1.02 -5.32
N SER A 423 -22.74 -1.80 -5.59
CA SER A 423 -23.73 -2.07 -4.58
C SER A 423 -23.15 -2.99 -3.51
N GLN A 424 -23.99 -3.37 -2.55
CA GLN A 424 -23.53 -4.20 -1.45
C GLN A 424 -23.05 -5.57 -1.96
N GLY A 425 -23.82 -6.18 -2.86
CA GLY A 425 -23.54 -7.52 -3.28
C GLY A 425 -22.21 -7.66 -3.99
N PRO A 426 -22.10 -7.07 -5.18
CA PRO A 426 -20.89 -7.24 -6.00
C PRO A 426 -19.69 -6.40 -5.59
N ARG A 427 -19.73 -5.73 -4.43
CA ARG A 427 -18.57 -4.96 -4.01
C ARG A 427 -17.35 -5.84 -3.75
N PRO A 428 -17.44 -6.92 -2.96
CA PRO A 428 -16.22 -7.64 -2.57
C PRO A 428 -15.42 -8.12 -3.76
N ALA A 429 -16.03 -8.91 -4.65
CA ALA A 429 -15.30 -9.39 -5.82
C ALA A 429 -14.64 -8.23 -6.56
N ALA A 430 -15.42 -7.19 -6.86
CA ALA A 430 -14.85 -6.02 -7.52
C ALA A 430 -13.62 -5.52 -6.79
N MET A 431 -13.73 -5.35 -5.46
CA MET A 431 -12.57 -4.90 -4.70
C MET A 431 -11.34 -5.74 -5.04
N ALA A 432 -11.49 -7.06 -4.98
CA ALA A 432 -10.36 -7.93 -5.28
C ALA A 432 -9.74 -7.57 -6.62
N VAL A 433 -10.57 -7.48 -7.66
CA VAL A 433 -10.03 -7.16 -8.97
C VAL A 433 -9.26 -5.86 -8.91
N ALA A 434 -9.87 -4.82 -8.34
CA ALA A 434 -9.15 -3.56 -8.20
C ALA A 434 -7.82 -3.78 -7.53
N GLY A 435 -7.83 -4.45 -6.37
CA GLY A 435 -6.58 -4.73 -5.68
C GLY A 435 -5.58 -5.40 -6.59
N PHE A 436 -6.00 -6.45 -7.29
CA PHE A 436 -5.09 -7.12 -8.20
C PHE A 436 -4.49 -6.12 -9.16
N SER A 437 -5.32 -5.33 -9.83
CA SER A 437 -4.81 -4.31 -10.73
C SER A 437 -3.85 -3.39 -10.00
N ASN A 438 -4.26 -2.90 -8.83
CA ASN A 438 -3.39 -1.99 -8.07
C ASN A 438 -2.03 -2.62 -7.85
N TRP A 439 -2.00 -3.93 -7.57
CA TRP A 439 -0.71 -4.57 -7.39
C TRP A 439 0.00 -4.75 -8.73
N THR A 440 -0.70 -5.23 -9.75
CA THR A 440 -0.02 -5.53 -11.00
C THR A 440 0.66 -4.29 -11.56
N SER A 441 -0.09 -3.19 -11.70
CA SER A 441 0.53 -1.94 -12.12
C SER A 441 1.76 -1.64 -11.27
N ASN A 442 1.61 -1.73 -9.95
CA ASN A 442 2.76 -1.52 -9.08
C ASN A 442 3.95 -2.34 -9.55
N PHE A 443 3.77 -3.65 -9.69
CA PHE A 443 4.86 -4.49 -10.17
C PHE A 443 5.56 -3.82 -11.34
N ILE A 444 4.81 -3.48 -12.39
CA ILE A 444 5.41 -2.89 -13.58
C ILE A 444 6.33 -1.76 -13.17
N ILE A 445 5.78 -0.74 -12.52
CA ILE A 445 6.62 0.40 -12.18
C ILE A 445 7.75 -0.05 -11.27
N GLY A 446 7.42 -0.84 -10.24
CA GLY A 446 8.45 -1.30 -9.34
C GLY A 446 9.53 -2.10 -10.04
N MET A 447 9.15 -2.79 -11.12
CA MET A 447 10.12 -3.60 -11.84
C MET A 447 10.77 -2.82 -12.97
N GLY A 448 10.13 -1.76 -13.43
CA GLY A 448 10.55 -1.14 -14.68
C GLY A 448 11.41 0.08 -14.50
N PHE A 449 11.09 0.90 -13.49
CA PHE A 449 11.62 2.25 -13.41
C PHE A 449 13.10 2.27 -13.74
N GLN A 450 13.89 1.44 -13.05
CA GLN A 450 15.34 1.52 -13.22
C GLN A 450 15.74 1.44 -14.68
N TYR A 451 15.29 0.40 -15.39
CA TYR A 451 15.62 0.29 -16.80
C TYR A 451 15.23 1.56 -17.53
N VAL A 452 13.97 1.99 -17.37
CA VAL A 452 13.54 3.20 -18.04
C VAL A 452 14.42 4.37 -17.63
N ALA A 453 14.74 4.47 -16.34
CA ALA A 453 15.55 5.58 -15.87
C ALA A 453 16.85 5.65 -16.65
N GLU A 454 17.44 4.50 -16.97
CA GLU A 454 18.71 4.51 -17.67
C GLU A 454 18.51 4.79 -19.16
N ALA A 455 17.40 4.33 -19.71
CA ALA A 455 17.21 4.45 -21.16
C ALA A 455 16.87 5.88 -21.55
N MET A 456 16.00 6.53 -20.79
CA MET A 456 15.45 7.81 -21.22
C MET A 456 16.36 8.97 -20.83
N GLY A 457 16.76 9.03 -19.56
CA GLY A 457 17.57 10.11 -19.07
C GLY A 457 16.77 11.02 -18.15
N PRO A 458 16.98 12.34 -18.27
CA PRO A 458 16.15 13.26 -17.47
C PRO A 458 14.68 13.15 -17.76
N TYR A 459 14.31 12.73 -18.98
CA TYR A 459 12.92 12.79 -19.43
C TYR A 459 12.04 11.71 -18.82
N VAL A 460 12.54 10.90 -17.90
CA VAL A 460 11.72 9.80 -17.36
C VAL A 460 10.42 10.35 -16.82
N PHE A 461 10.51 11.37 -15.96
CA PHE A 461 9.31 11.94 -15.37
C PHE A 461 8.40 12.55 -16.42
N LEU A 462 8.97 13.05 -17.51
CA LEU A 462 8.12 13.53 -18.59
C LEU A 462 7.15 12.43 -19.02
N LEU A 463 7.63 11.20 -19.16
CA LEU A 463 6.74 10.10 -19.45
C LEU A 463 5.60 10.06 -18.44
N PHE A 464 5.93 10.08 -17.15
CA PHE A 464 4.88 10.11 -16.13
C PHE A 464 3.90 11.23 -16.43
N ALA A 465 4.41 12.43 -16.70
CA ALA A 465 3.50 13.54 -16.98
C ALA A 465 2.50 13.14 -18.05
N VAL A 466 3.00 12.63 -19.18
CA VAL A 466 2.09 12.24 -20.25
C VAL A 466 1.03 11.28 -19.71
N LEU A 467 1.47 10.23 -19.02
CA LEU A 467 0.51 9.30 -18.46
C LEU A 467 -0.50 10.03 -17.60
N LEU A 468 -0.02 10.82 -16.65
CA LEU A 468 -0.95 11.58 -15.82
C LEU A 468 -1.90 12.37 -16.69
N LEU A 469 -1.38 13.13 -17.64
CA LEU A 469 -2.25 13.90 -18.52
C LEU A 469 -3.32 12.99 -19.11
N GLY A 470 -2.91 11.88 -19.70
CA GLY A 470 -3.88 10.93 -20.20
C GLY A 470 -4.96 10.66 -19.19
N PHE A 471 -4.56 10.10 -18.04
CA PHE A 471 -5.56 9.75 -17.03
C PHE A 471 -6.45 10.95 -16.73
N PHE A 472 -5.86 12.12 -16.53
CA PHE A 472 -6.68 13.28 -16.18
C PHE A 472 -7.81 13.45 -17.18
N ILE A 473 -7.48 13.48 -18.47
CA ILE A 473 -8.52 13.68 -19.46
C ILE A 473 -9.61 12.64 -19.28
N PHE A 474 -9.20 11.37 -19.22
CA PHE A 474 -10.19 10.31 -19.06
C PHE A 474 -11.06 10.58 -17.84
N THR A 475 -10.43 10.79 -16.69
CA THR A 475 -11.20 11.06 -15.49
C THR A 475 -12.16 12.21 -15.75
N PHE A 476 -11.63 13.32 -16.28
CA PHE A 476 -12.42 14.53 -16.39
C PHE A 476 -13.72 14.29 -17.11
N LEU A 477 -13.75 13.29 -17.99
CA LEU A 477 -14.90 13.09 -18.85
C LEU A 477 -15.55 11.73 -18.68
N ARG A 478 -15.09 10.91 -17.73
CA ARG A 478 -15.70 9.58 -17.68
C ARG A 478 -16.18 9.17 -16.30
N VAL A 479 -15.48 9.55 -15.23
CA VAL A 479 -15.84 9.11 -13.89
C VAL A 479 -16.97 9.98 -13.33
N PRO A 480 -18.02 9.41 -12.76
CA PRO A 480 -19.07 10.24 -12.16
C PRO A 480 -18.61 10.82 -10.83
N GLU A 481 -19.54 11.48 -10.16
CA GLU A 481 -19.31 12.09 -8.86
C GLU A 481 -20.10 11.29 -7.83
N THR A 482 -19.40 10.61 -6.92
CA THR A 482 -20.05 9.69 -6.01
C THR A 482 -20.39 10.29 -4.66
N ARG A 483 -19.70 11.34 -4.23
CA ARG A 483 -19.99 11.94 -2.93
C ARG A 483 -21.41 12.46 -2.90
N GLY A 484 -22.11 12.16 -1.82
CA GLY A 484 -23.48 12.63 -1.66
C GLY A 484 -24.38 12.20 -2.79
N ARG A 485 -24.24 10.96 -3.25
CA ARG A 485 -25.04 10.44 -4.34
C ARG A 485 -25.50 9.03 -3.99
N THR A 486 -26.67 8.64 -4.46
CA THR A 486 -27.23 7.29 -4.20
C THR A 486 -26.68 6.32 -5.22
N PHE A 487 -26.45 5.08 -4.84
CA PHE A 487 -26.07 4.08 -5.86
C PHE A 487 -27.15 4.22 -6.91
N ASP A 488 -28.36 4.54 -6.47
CA ASP A 488 -29.48 4.62 -7.42
C ASP A 488 -29.08 5.56 -8.53
N GLN A 489 -28.97 6.83 -8.22
CA GLN A 489 -28.65 7.84 -9.23
C GLN A 489 -27.41 7.38 -9.97
N ILE A 490 -26.37 6.95 -9.28
CA ILE A 490 -25.09 6.66 -10.01
C ILE A 490 -25.45 5.74 -11.17
N SER A 491 -26.13 4.63 -10.91
CA SER A 491 -26.56 3.66 -11.95
C SER A 491 -27.17 4.42 -13.12
N ALA A 492 -28.10 5.34 -12.86
CA ALA A 492 -28.71 6.14 -13.92
C ALA A 492 -27.66 6.96 -14.67
N ALA A 493 -26.70 7.54 -13.94
CA ALA A 493 -25.65 8.31 -14.58
C ALA A 493 -24.89 7.47 -15.59
N PHE A 494 -24.63 6.21 -15.25
CA PHE A 494 -23.96 5.29 -16.17
C PHE A 494 -24.84 4.95 -17.37
N HIS A 495 -26.12 5.30 -17.30
CA HIS A 495 -27.04 5.00 -18.38
C HIS A 495 -27.55 6.27 -19.04
C1 NAG B . 32.30 -4.85 -6.83
C2 NAG B . 32.51 -3.37 -7.15
C3 NAG B . 33.92 -3.09 -7.63
C4 NAG B . 34.89 -3.57 -6.60
C5 NAG B . 34.68 -5.07 -6.44
C6 NAG B . 35.68 -5.66 -5.44
C7 NAG B . 30.31 -2.71 -7.93
C8 NAG B . 29.48 -2.21 -9.07
N2 NAG B . 31.59 -2.91 -8.19
O3 NAG B . 34.07 -1.68 -7.86
O4 NAG B . 36.24 -3.30 -7.01
O5 NAG B . 33.36 -5.34 -6.00
O6 NAG B . 35.28 -5.33 -4.10
O7 NAG B . 29.83 -2.91 -6.82
C1 NAG B . 36.77 -2.21 -6.23
C2 NAG B . 38.24 -2.32 -6.63
C3 NAG B . 38.99 -1.05 -6.28
C4 NAG B . 38.30 0.15 -6.89
C5 NAG B . 36.85 0.20 -6.43
C6 NAG B . 36.08 1.34 -7.07
C7 NAG B . 39.00 -4.62 -6.55
C8 NAG B . 39.60 -5.70 -5.70
N2 NAG B . 38.84 -3.44 -5.95
O3 NAG B . 40.35 -1.14 -6.76
O4 NAG B . 39.00 1.34 -6.51
O5 NAG B . 36.17 -1.02 -6.76
O6 NAG B . 35.56 0.92 -8.34
O7 NAG B . 38.68 -4.80 -7.72
C4 5RH C . 1.47 4.36 0.09
C14 5RH C . -4.58 5.27 0.95
C5 5RH C . -0.91 3.44 0.01
C11 5RH C . -4.35 3.40 2.95
C7 5RH C . -1.51 4.82 -0.36
C8 5RH C . -2.09 5.59 0.82
C9 5RH C . -3.32 4.94 1.41
C10 5RH C . -3.22 4.00 2.41
C12 5RH C . -5.59 3.74 2.48
C13 5RH C . -5.71 4.68 1.48
C3 5RH C . 0.53 3.28 -0.47
O3 5RH C . -4.28 0.90 -0.51
C17 5RH C . -3.59 0.97 0.48
O2 5RH C . -2.51 1.74 0.57
C18 5RH C . -3.82 0.23 1.72
C19 5RH C . -4.93 -0.42 2.04
C20 5RH C . -6.27 -0.25 1.40
O4 5RH C . -7.25 0.07 2.39
C21 5RH C . -6.73 -1.49 0.64
C22 5RH C . -5.92 -1.81 -0.61
C15 5RH C . -2.85 3.20 -1.43
O1 5RH C . -3.75 2.73 -2.12
C2 5RH C . 0.56 3.13 -1.98
N 5RH C . -2.56 4.49 -1.31
C16 5RH C . -1.89 2.38 -0.59
C1 5RH C . 1.25 3.90 -2.80
C30 5RH C . -0.26 1.99 -2.52
O5 5RH C . 0.60 0.99 -3.05
C29 5RH C . -1.16 1.34 -1.46
C28 5RH C . -2.13 0.42 -2.15
C27 5RH C . -2.41 -0.82 -1.79
C26 5RH C . -3.39 -1.72 -2.50
C24 5RH C . -3.85 -2.91 -1.68
C25 5RH C . -4.71 -3.83 -2.54
C23 5RH C . -4.59 -2.49 -0.40
#